data_6ZMN
#
_entry.id   6ZMN
#
_cell.length_a   54.502
_cell.length_b   73.416
_cell.length_c   111.154
_cell.angle_alpha   90
_cell.angle_beta   90
_cell.angle_gamma   90
#
_symmetry.space_group_name_H-M   'P 21 21 21'
#
loop_
_entity.id
_entity.type
_entity.pdbx_description
1 polymer 'Mothers against decapentaplegic homolog 3'
2 polymer "DNA (5'-D(P*TP*GP*CP*AP*GP*GP*CP*GP*CP*GP*CP*CP*TP*GP*CP*A)-3')"
3 non-polymer 'ACETATE ION'
4 non-polymer 1,2-ETHANEDIOL
5 non-polymer 'ZINC ION'
6 non-polymer 'TRIETHYLENE GLYCOL'
7 water water
#
loop_
_entity_poly.entity_id
_entity_poly.type
_entity_poly.pdbx_seq_one_letter_code
_entity_poly.pdbx_strand_id
1 'polypeptide(L)'
;GPAVKRLLGWKQGDEEEKWCEKAVKSLVKKLKKTGQLDELEKAITTQNVNTKCITIPRSLDGRLQVSHRKGLPHVIYCRL
WRWPDLHSHHELRAMELCEFAFNMKKDEVCVNPYHYQRVETPVLP
;
A,B
2 'polydeoxyribonucleotide' (DT)(DG)(DC)(DA)(DG)(DG)(DC)(DG)(DC)(DG)(DC)(DC)(DT)(DG)(DC)(DA) C,D
#
# COMPACT_ATOMS: atom_id res chain seq x y z
N PRO A 2 6.46 -10.32 17.93
CA PRO A 2 5.29 -11.16 18.24
C PRO A 2 3.97 -10.36 18.23
N ALA A 3 3.67 -9.56 19.29
CA ALA A 3 2.46 -8.74 19.35
C ALA A 3 2.36 -7.78 18.17
N VAL A 4 3.49 -7.17 17.76
CA VAL A 4 3.50 -6.24 16.63
C VAL A 4 3.10 -6.95 15.34
N LYS A 5 3.70 -8.12 15.06
CA LYS A 5 3.41 -8.89 13.85
C LYS A 5 2.00 -9.50 13.86
N ARG A 6 1.46 -9.80 15.06
CA ARG A 6 0.10 -10.29 15.27
C ARG A 6 -0.86 -9.13 14.93
N LEU A 7 -0.66 -7.94 15.54
CA LEU A 7 -1.50 -6.75 15.33
C LEU A 7 -1.46 -6.24 13.89
N LEU A 8 -0.28 -6.37 13.23
CA LEU A 8 -0.09 -5.98 11.83
C LEU A 8 -0.90 -6.85 10.87
N GLY A 9 -1.02 -8.13 11.19
CA GLY A 9 -1.82 -9.04 10.39
C GLY A 9 -3.28 -8.65 10.31
N TRP A 10 -3.76 -7.92 11.32
CA TRP A 10 -5.14 -7.42 11.42
C TRP A 10 -5.42 -6.11 10.67
N LYS A 11 -4.39 -5.53 10.07
CA LYS A 11 -4.44 -4.28 9.35
C LYS A 11 -5.40 -4.39 8.19
N GLN A 12 -6.25 -3.38 8.03
CA GLN A 12 -7.15 -3.31 6.88
C GLN A 12 -6.26 -2.88 5.71
N GLY A 13 -6.24 -3.69 4.66
CA GLY A 13 -5.41 -3.44 3.48
C GLY A 13 -5.87 -2.28 2.64
N ASP A 14 -4.93 -1.41 2.22
CA ASP A 14 -5.30 -0.26 1.39
C ASP A 14 -5.49 -0.66 -0.07
N GLU A 15 -6.28 0.14 -0.78
CA GLU A 15 -6.60 -0.12 -2.17
C GLU A 15 -5.41 -0.09 -3.07
N GLU A 16 -4.34 0.64 -2.72
CA GLU A 16 -3.15 0.69 -3.57
C GLU A 16 -2.36 -0.56 -3.57
N GLU A 17 -2.24 -1.20 -2.41
CA GLU A 17 -1.52 -2.46 -2.34
C GLU A 17 -2.36 -3.59 -2.94
N LYS A 18 -3.71 -3.55 -2.76
CA LYS A 18 -4.63 -4.55 -3.33
C LYS A 18 -4.64 -4.45 -4.88
N TRP A 19 -4.50 -3.20 -5.41
CA TRP A 19 -4.45 -2.90 -6.84
C TRP A 19 -3.13 -3.36 -7.44
N CYS A 20 -2.00 -3.11 -6.77
CA CYS A 20 -0.68 -3.57 -7.21
C CYS A 20 -0.63 -5.06 -7.35
N GLU A 21 -1.27 -5.75 -6.44
CA GLU A 21 -1.33 -7.20 -6.47
C GLU A 21 -2.17 -7.64 -7.66
N LYS A 22 -3.28 -6.96 -7.92
CA LYS A 22 -4.15 -7.20 -9.06
C LYS A 22 -3.44 -6.92 -10.39
N ALA A 23 -2.51 -5.95 -10.41
CA ALA A 23 -1.71 -5.57 -11.58
C ALA A 23 -0.66 -6.62 -11.86
N VAL A 24 0.00 -7.15 -10.81
CA VAL A 24 1.00 -8.19 -10.95
C VAL A 24 0.32 -9.52 -11.35
N LYS A 25 -0.81 -9.85 -10.73
CA LYS A 25 -1.54 -11.09 -11.07
C LYS A 25 -1.96 -11.09 -12.53
N SER A 26 -2.37 -9.91 -13.06
CA SER A 26 -2.82 -9.73 -14.43
C SER A 26 -1.69 -10.00 -15.43
N LEU A 27 -0.50 -9.47 -15.15
CA LEU A 27 0.65 -9.68 -16.00
C LEU A 27 1.17 -11.12 -15.91
N VAL A 28 1.35 -11.65 -14.69
CA VAL A 28 1.82 -13.03 -14.48
C VAL A 28 0.97 -14.05 -15.23
N LYS A 29 -0.37 -13.95 -15.14
CA LYS A 29 -1.30 -14.85 -15.83
C LYS A 29 -1.04 -14.88 -17.37
N LYS A 30 -0.69 -13.72 -17.97
CA LYS A 30 -0.41 -13.61 -19.40
C LYS A 30 0.94 -14.16 -19.75
N LEU A 31 1.94 -13.88 -18.90
CA LEU A 31 3.32 -14.34 -19.12
C LEU A 31 3.45 -15.84 -18.97
N LYS A 32 2.77 -16.43 -17.96
CA LYS A 32 2.70 -17.87 -17.72
C LYS A 32 2.19 -18.59 -19.00
N LYS A 33 1.10 -18.07 -19.62
CA LYS A 33 0.47 -18.59 -20.84
C LYS A 33 1.37 -18.53 -22.04
N THR A 34 2.23 -17.52 -22.11
CA THR A 34 3.12 -17.34 -23.28
C THR A 34 4.59 -17.69 -23.05
N GLY A 35 4.90 -18.33 -21.92
CA GLY A 35 6.25 -18.74 -21.59
C GLY A 35 7.25 -17.63 -21.34
N GLN A 36 6.80 -16.50 -20.77
CA GLN A 36 7.69 -15.35 -20.55
C GLN A 36 7.90 -14.98 -19.08
N LEU A 37 7.34 -15.74 -18.14
CA LEU A 37 7.42 -15.38 -16.72
C LEU A 37 8.84 -15.37 -16.17
N ASP A 38 9.68 -16.34 -16.57
CA ASP A 38 11.07 -16.37 -16.07
C ASP A 38 11.84 -15.12 -16.45
N GLU A 39 11.65 -14.65 -17.68
CA GLU A 39 12.29 -13.46 -18.20
C GLU A 39 11.90 -12.23 -17.39
N LEU A 40 10.64 -12.16 -16.92
CA LEU A 40 10.22 -11.03 -16.08
C LEU A 40 10.96 -11.05 -14.75
N GLU A 41 11.08 -12.22 -14.13
CA GLU A 41 11.80 -12.35 -12.87
C GLU A 41 13.29 -12.09 -13.03
N LYS A 42 13.86 -12.49 -14.19
CA LYS A 42 15.26 -12.26 -14.49
C LYS A 42 15.46 -10.77 -14.66
N ALA A 43 14.56 -10.08 -15.37
CA ALA A 43 14.69 -8.63 -15.60
C ALA A 43 14.49 -7.84 -14.32
N ILE A 44 13.49 -8.19 -13.51
CA ILE A 44 13.19 -7.46 -12.28
C ILE A 44 14.25 -7.62 -11.21
N THR A 45 14.68 -8.85 -10.98
CA THR A 45 15.66 -9.12 -9.92
C THR A 45 17.10 -8.79 -10.30
N THR A 46 17.47 -8.92 -11.58
CA THR A 46 18.83 -8.64 -12.00
C THR A 46 19.04 -7.24 -12.57
N GLN A 47 17.94 -6.50 -12.90
CA GLN A 47 17.97 -5.18 -13.54
C GLN A 47 18.74 -5.22 -14.86
N ASN A 48 18.78 -6.39 -15.52
CA ASN A 48 19.55 -6.56 -16.74
C ASN A 48 18.80 -5.98 -17.92
N VAL A 49 19.43 -4.96 -18.50
CA VAL A 49 18.94 -4.22 -19.65
C VAL A 49 18.91 -5.10 -20.91
N ASN A 50 19.84 -6.08 -21.01
CA ASN A 50 19.94 -7.03 -22.13
C ASN A 50 19.01 -8.24 -22.02
N THR A 51 17.98 -8.15 -21.20
CA THR A 51 16.97 -9.19 -21.12
C THR A 51 16.10 -9.11 -22.40
N LYS A 52 15.31 -10.16 -22.67
CA LYS A 52 14.43 -10.11 -23.85
C LYS A 52 13.24 -9.18 -23.59
N CYS A 53 12.50 -8.86 -24.65
CA CYS A 53 11.30 -8.09 -24.53
C CYS A 53 10.26 -8.95 -23.82
N ILE A 54 9.49 -8.36 -22.90
CA ILE A 54 8.47 -9.09 -22.16
C ILE A 54 7.18 -8.51 -22.67
N THR A 55 6.53 -9.20 -23.61
CA THR A 55 5.40 -8.62 -24.30
C THR A 55 4.04 -9.13 -23.92
N ILE A 56 3.04 -8.25 -24.06
CA ILE A 56 1.63 -8.50 -23.88
C ILE A 56 0.94 -7.92 -25.12
N PRO A 57 -0.19 -8.50 -25.55
CA PRO A 57 -0.91 -7.93 -26.70
C PRO A 57 -1.30 -6.47 -26.48
N ARG A 58 -1.31 -5.68 -27.57
CA ARG A 58 -1.69 -4.28 -27.53
C ARG A 58 -3.20 -4.12 -27.78
N SER A 59 -3.86 -3.27 -27.00
CA SER A 59 -5.27 -3.00 -27.17
C SER A 59 -5.47 -1.89 -28.22
N LEU A 60 -6.72 -1.73 -28.72
CA LEU A 60 -7.00 -0.67 -29.70
C LEU A 60 -6.55 0.73 -29.24
N ASP A 61 -6.87 1.17 -28.01
CA ASP A 61 -6.41 2.50 -27.56
C ASP A 61 -5.03 2.49 -26.91
N GLY A 62 -4.46 1.31 -26.67
CA GLY A 62 -3.19 1.14 -26.02
C GLY A 62 -3.29 1.05 -24.51
N ARG A 63 -4.48 1.26 -23.93
CA ARG A 63 -4.67 1.21 -22.49
C ARG A 63 -4.94 -0.18 -21.98
N LEU A 64 -4.55 -0.43 -20.74
CA LEU A 64 -4.74 -1.67 -20.04
C LEU A 64 -5.65 -1.40 -18.81
N GLN A 65 -6.67 -2.24 -18.58
CA GLN A 65 -7.52 -2.08 -17.39
C GLN A 65 -7.16 -3.12 -16.33
N VAL A 66 -6.91 -2.64 -15.12
CA VAL A 66 -6.62 -3.49 -13.98
C VAL A 66 -7.56 -3.00 -12.90
N SER A 67 -8.45 -3.85 -12.41
CA SER A 67 -9.42 -3.50 -11.37
C SER A 67 -10.09 -2.11 -11.52
N HIS A 68 -10.72 -1.86 -12.67
CA HIS A 68 -11.45 -0.64 -12.91
C HIS A 68 -10.57 0.62 -13.04
N ARG A 69 -9.28 0.42 -13.36
CA ARG A 69 -8.34 1.52 -13.51
C ARG A 69 -7.59 1.32 -14.80
N LYS A 70 -7.52 2.35 -15.65
CA LYS A 70 -6.82 2.24 -16.92
C LYS A 70 -5.52 3.03 -16.95
N GLY A 71 -4.57 2.51 -17.71
CA GLY A 71 -3.27 3.13 -17.91
C GLY A 71 -2.51 2.50 -19.04
N LEU A 72 -1.41 3.11 -19.50
CA LEU A 72 -0.60 2.50 -20.56
C LEU A 72 0.24 1.40 -19.91
N PRO A 73 0.23 0.22 -20.51
CA PRO A 73 0.87 -0.94 -19.87
C PRO A 73 2.35 -0.75 -19.49
N HIS A 74 3.20 -0.20 -20.38
CA HIS A 74 4.62 0.02 -20.02
C HIS A 74 4.75 1.01 -18.85
N VAL A 75 3.84 2.01 -18.78
CA VAL A 75 3.84 2.99 -17.71
C VAL A 75 3.45 2.37 -16.37
N ILE A 76 2.40 1.51 -16.38
CA ILE A 76 1.95 0.76 -15.21
C ILE A 76 3.07 -0.03 -14.54
N TYR A 77 3.87 -0.77 -15.33
CA TYR A 77 4.90 -1.65 -14.78
C TYR A 77 6.27 -0.94 -14.53
N CYS A 78 6.52 0.20 -15.18
CA CYS A 78 7.74 0.98 -14.89
C CYS A 78 7.54 1.75 -13.58
N ARG A 79 6.31 2.20 -13.29
CA ARG A 79 5.97 2.87 -12.04
C ARG A 79 6.03 1.87 -10.88
N LEU A 80 5.58 0.62 -11.16
CA LEU A 80 5.52 -0.46 -10.20
C LEU A 80 6.89 -0.93 -9.74
N TRP A 81 7.82 -1.17 -10.68
CA TRP A 81 9.12 -1.72 -10.32
C TRP A 81 10.28 -0.75 -10.40
N ARG A 82 10.10 0.48 -10.93
CA ARG A 82 11.21 1.40 -11.05
C ARG A 82 11.00 2.83 -10.52
N TRP A 83 9.95 3.51 -10.97
CA TRP A 83 9.74 4.92 -10.61
C TRP A 83 8.32 5.21 -10.17
N PRO A 84 8.03 5.12 -8.86
CA PRO A 84 6.65 5.35 -8.39
C PRO A 84 6.06 6.71 -8.78
N ASP A 85 6.93 7.71 -8.90
CA ASP A 85 6.54 9.07 -9.27
C ASP A 85 6.47 9.30 -10.79
N LEU A 86 6.51 8.20 -11.60
CA LEU A 86 6.41 8.29 -13.08
C LEU A 86 5.05 8.89 -13.41
N HIS A 87 5.05 10.00 -14.11
CA HIS A 87 3.83 10.74 -14.40
C HIS A 87 3.11 10.26 -15.68
N SER A 88 3.80 10.26 -16.82
CA SER A 88 3.18 9.85 -18.09
C SER A 88 4.17 9.10 -18.99
N HIS A 89 3.69 8.61 -20.14
CA HIS A 89 4.53 7.94 -21.12
C HIS A 89 5.58 8.89 -21.71
N HIS A 90 5.31 10.21 -21.72
CA HIS A 90 6.26 11.21 -22.21
C HIS A 90 7.57 11.22 -21.41
N GLU A 91 7.57 10.67 -20.19
CA GLU A 91 8.78 10.59 -19.38
C GLU A 91 9.56 9.29 -19.63
N LEU A 92 9.18 8.48 -20.64
CA LEU A 92 9.82 7.20 -20.94
C LEU A 92 10.40 7.19 -22.34
N ARG A 93 11.54 6.54 -22.51
CA ARG A 93 12.21 6.47 -23.79
C ARG A 93 12.78 5.08 -23.93
N ALA A 94 12.32 4.30 -24.92
CA ALA A 94 12.81 2.95 -25.09
C ALA A 94 14.25 2.89 -25.61
N MET A 95 14.95 1.81 -25.30
CA MET A 95 16.29 1.61 -25.83
C MET A 95 16.18 1.10 -27.26
N GLU A 96 17.23 1.22 -28.06
CA GLU A 96 17.20 0.66 -29.40
C GLU A 96 17.00 -0.85 -29.42
N LEU A 97 17.52 -1.54 -28.42
CA LEU A 97 17.44 -2.99 -28.32
C LEU A 97 16.00 -3.51 -28.07
N CYS A 98 15.08 -2.62 -27.65
CA CYS A 98 13.70 -2.95 -27.40
C CYS A 98 12.91 -3.05 -28.67
N GLU A 99 12.65 -4.28 -29.13
CA GLU A 99 11.92 -4.51 -30.37
C GLU A 99 10.46 -4.10 -30.29
N PHE A 100 9.79 -4.38 -29.16
CA PHE A 100 8.37 -4.14 -29.03
C PHE A 100 8.00 -2.92 -28.22
N ALA A 101 8.79 -1.82 -28.32
CA ALA A 101 8.50 -0.60 -27.55
C ALA A 101 7.11 -0.07 -27.76
N PHE A 102 6.54 0.61 -26.76
CA PHE A 102 5.18 1.15 -26.85
C PHE A 102 5.00 2.08 -28.01
N ASN A 103 5.97 2.98 -28.20
CA ASN A 103 5.96 4.02 -29.22
C ASN A 103 5.88 3.50 -30.65
N MET A 104 6.33 2.28 -30.88
CA MET A 104 6.32 1.62 -32.19
C MET A 104 4.94 1.14 -32.61
N LYS A 105 3.94 1.17 -31.72
CA LYS A 105 2.57 0.69 -31.94
C LYS A 105 2.48 -0.66 -32.69
N LYS A 106 3.28 -1.66 -32.29
CA LYS A 106 3.24 -3.02 -32.84
C LYS A 106 2.09 -3.89 -32.24
N ASP A 107 1.91 -5.15 -32.69
CA ASP A 107 0.84 -6.03 -32.17
C ASP A 107 1.03 -6.33 -30.69
N GLU A 108 2.31 -6.49 -30.27
CA GLU A 108 2.68 -6.74 -28.90
C GLU A 108 3.40 -5.50 -28.34
N VAL A 109 3.28 -5.28 -27.02
CA VAL A 109 3.89 -4.16 -26.34
C VAL A 109 4.79 -4.65 -25.23
N CYS A 110 6.02 -4.20 -25.26
CA CYS A 110 7.03 -4.61 -24.30
C CYS A 110 6.86 -3.88 -23.00
N VAL A 111 6.69 -4.61 -21.92
CA VAL A 111 6.51 -4.05 -20.59
C VAL A 111 7.70 -4.36 -19.67
N ASN A 112 8.89 -4.69 -20.25
CA ASN A 112 10.12 -4.93 -19.50
C ASN A 112 10.54 -3.53 -19.03
N PRO A 113 10.47 -3.24 -17.70
CA PRO A 113 10.84 -1.89 -17.23
C PRO A 113 12.27 -1.51 -17.56
N TYR A 114 13.15 -2.51 -17.78
CA TYR A 114 14.56 -2.28 -18.04
C TYR A 114 14.89 -2.06 -19.51
N HIS A 115 13.87 -1.92 -20.36
CA HIS A 115 14.01 -1.52 -21.77
C HIS A 115 13.61 -0.06 -21.95
N TYR A 116 13.28 0.68 -20.86
CA TYR A 116 12.90 2.07 -20.94
C TYR A 116 13.80 2.89 -20.03
N GLN A 117 14.15 4.09 -20.49
CA GLN A 117 14.96 5.05 -19.77
C GLN A 117 14.05 6.21 -19.36
N ARG A 118 14.17 6.69 -18.13
CA ARG A 118 13.36 7.83 -17.70
C ARG A 118 14.00 9.11 -18.20
N VAL A 119 13.20 10.06 -18.73
CA VAL A 119 13.63 11.40 -19.18
C VAL A 119 12.89 12.47 -18.35
N GLU A 120 13.40 13.72 -18.22
CA GLU A 120 12.70 14.69 -17.32
C GLU A 120 11.79 15.73 -18.01
N THR A 121 10.71 15.23 -18.70
CA THR A 121 9.72 16.08 -19.39
C THR A 121 8.77 16.85 -18.40
N GLY B 1 0.83 -18.77 -7.70
CA GLY B 1 0.90 -17.75 -6.66
C GLY B 1 2.29 -17.31 -6.22
N PRO B 2 3.26 -18.29 -6.08
CA PRO B 2 4.60 -17.92 -5.57
C PRO B 2 5.32 -16.83 -6.35
N ALA B 3 5.20 -16.83 -7.69
CA ALA B 3 5.81 -15.80 -8.52
C ALA B 3 5.21 -14.43 -8.28
N VAL B 4 3.90 -14.34 -8.08
CA VAL B 4 3.22 -13.06 -7.84
C VAL B 4 3.74 -12.41 -6.55
N LYS B 5 3.82 -13.17 -5.43
CA LYS B 5 4.31 -12.60 -4.16
C LYS B 5 5.79 -12.24 -4.26
N ARG B 6 6.56 -13.07 -4.95
CA ARG B 6 7.98 -12.81 -5.18
C ARG B 6 8.16 -11.48 -5.94
N LEU B 7 7.45 -11.33 -7.08
CA LEU B 7 7.50 -10.12 -7.89
C LEU B 7 6.96 -8.88 -7.17
N LEU B 8 5.94 -9.06 -6.31
CA LEU B 8 5.34 -7.99 -5.50
C LEU B 8 6.33 -7.43 -4.47
N GLY B 9 7.17 -8.30 -3.92
CA GLY B 9 8.20 -7.88 -2.98
C GLY B 9 9.18 -6.89 -3.58
N TRP B 10 9.31 -6.89 -4.91
CA TRP B 10 10.20 -6.02 -5.68
C TRP B 10 9.60 -4.63 -6.05
N LYS B 11 8.32 -4.38 -5.73
CA LYS B 11 7.68 -3.11 -6.05
C LYS B 11 8.33 -1.91 -5.35
N GLN B 12 8.16 -0.70 -5.90
CA GLN B 12 8.80 0.48 -5.35
C GLN B 12 7.93 1.32 -4.44
N GLY B 13 6.62 1.22 -4.54
CA GLY B 13 5.72 2.01 -3.68
C GLY B 13 5.51 1.49 -2.27
N ASP B 14 6.61 1.06 -1.60
CA ASP B 14 6.59 0.47 -0.25
C ASP B 14 6.63 1.48 0.92
N GLU B 15 6.52 2.78 0.61
CA GLU B 15 6.58 3.85 1.62
C GLU B 15 5.46 3.74 2.67
N GLU B 16 4.28 3.20 2.29
CA GLU B 16 3.12 3.12 3.20
C GLU B 16 3.07 1.86 4.09
N GLU B 17 3.66 0.74 3.65
CA GLU B 17 3.59 -0.49 4.46
C GLU B 17 4.67 -0.53 5.56
N LYS B 18 5.80 0.12 5.32
CA LYS B 18 6.84 0.22 6.35
C LYS B 18 6.33 1.13 7.49
N TRP B 19 5.56 2.20 7.14
CA TRP B 19 4.96 3.18 8.02
C TRP B 19 3.93 2.57 8.95
N CYS B 20 3.00 1.73 8.43
CA CYS B 20 2.00 1.05 9.25
C CYS B 20 2.65 0.19 10.31
N GLU B 21 3.79 -0.42 10.00
CA GLU B 21 4.55 -1.22 10.96
C GLU B 21 5.13 -0.29 12.03
N LYS B 22 5.63 0.90 11.65
CA LYS B 22 6.16 1.88 12.60
C LYS B 22 5.04 2.42 13.50
N ALA B 23 3.83 2.57 12.94
CA ALA B 23 2.68 3.05 13.66
C ALA B 23 2.24 2.04 14.70
N VAL B 24 2.26 0.73 14.36
CA VAL B 24 1.90 -0.34 15.28
C VAL B 24 2.99 -0.49 16.34
N LYS B 25 4.28 -0.44 15.94
CA LYS B 25 5.40 -0.55 16.88
C LYS B 25 5.34 0.56 17.93
N SER B 26 4.97 1.79 17.49
CA SER B 26 4.86 3.00 18.32
C SER B 26 3.78 2.81 19.40
N LEU B 27 2.62 2.29 19.02
CA LEU B 27 1.52 2.08 19.94
C LEU B 27 1.82 0.93 20.89
N VAL B 28 2.28 -0.23 20.36
CA VAL B 28 2.61 -1.41 21.18
C VAL B 28 3.62 -1.07 22.30
N LYS B 29 4.68 -0.33 21.97
CA LYS B 29 5.70 0.09 22.94
C LYS B 29 5.09 0.86 24.13
N LYS B 30 4.07 1.70 23.86
CA LYS B 30 3.40 2.50 24.89
C LYS B 30 2.44 1.65 25.71
N LEU B 31 1.71 0.76 25.04
CA LEU B 31 0.74 -0.10 25.70
C LEU B 31 1.41 -1.15 26.60
N LYS B 32 2.59 -1.70 26.20
CA LYS B 32 3.35 -2.65 27.03
C LYS B 32 3.75 -1.96 28.32
N LYS B 33 4.27 -0.73 28.22
CA LYS B 33 4.72 0.06 29.36
C LYS B 33 3.59 0.33 30.37
N THR B 34 2.36 0.48 29.87
CA THR B 34 1.22 0.80 30.73
C THR B 34 0.24 -0.35 30.99
N GLY B 35 0.61 -1.57 30.60
CA GLY B 35 -0.20 -2.78 30.80
C GLY B 35 -1.53 -2.79 30.06
N GLN B 36 -1.56 -2.25 28.84
CA GLN B 36 -2.79 -2.21 28.05
C GLN B 36 -2.74 -3.00 26.75
N LEU B 37 -1.64 -3.71 26.47
CA LEU B 37 -1.49 -4.40 25.19
C LEU B 37 -2.53 -5.51 24.98
N ASP B 38 -2.85 -6.29 26.01
CA ASP B 38 -3.82 -7.37 25.86
C ASP B 38 -5.20 -6.84 25.45
N GLU B 39 -5.61 -5.72 26.03
CA GLU B 39 -6.88 -5.08 25.73
C GLU B 39 -6.94 -4.65 24.26
N LEU B 40 -5.79 -4.21 23.68
CA LEU B 40 -5.77 -3.83 22.27
C LEU B 40 -6.00 -5.06 21.40
N GLU B 41 -5.36 -6.18 21.72
CA GLU B 41 -5.55 -7.41 20.98
C GLU B 41 -6.96 -7.99 21.14
N LYS B 42 -7.54 -7.81 22.32
CA LYS B 42 -8.91 -8.23 22.59
C LYS B 42 -9.86 -7.38 21.75
N ALA B 43 -9.64 -6.05 21.70
CA ALA B 43 -10.50 -5.17 20.92
C ALA B 43 -10.37 -5.38 19.42
N ILE B 44 -9.14 -5.56 18.94
CA ILE B 44 -8.90 -5.72 17.51
C ILE B 44 -9.41 -7.04 16.97
N THR B 45 -9.10 -8.14 17.67
CA THR B 45 -9.49 -9.46 17.21
C THR B 45 -10.95 -9.82 17.46
N THR B 46 -11.56 -9.30 18.54
CA THR B 46 -12.95 -9.60 18.83
C THR B 46 -13.94 -8.54 18.35
N GLN B 47 -13.47 -7.33 17.95
CA GLN B 47 -14.32 -6.20 17.54
C GLN B 47 -15.31 -5.81 18.64
N ASN B 48 -14.98 -6.11 19.90
CA ASN B 48 -15.89 -5.86 21.02
C ASN B 48 -15.87 -4.41 21.41
N VAL B 49 -17.03 -3.79 21.25
CA VAL B 49 -17.29 -2.39 21.55
C VAL B 49 -17.20 -2.11 23.05
N ASN B 50 -17.54 -3.12 23.89
CA ASN B 50 -17.49 -3.03 25.35
C ASN B 50 -16.11 -3.30 25.96
N THR B 51 -15.05 -3.22 25.16
CA THR B 51 -13.69 -3.34 25.66
C THR B 51 -13.35 -2.04 26.44
N LYS B 52 -12.32 -2.07 27.27
CA LYS B 52 -11.94 -0.89 28.02
C LYS B 52 -11.19 0.13 27.09
N CYS B 53 -11.12 1.41 27.51
CA CYS B 53 -10.44 2.44 26.75
C CYS B 53 -8.96 2.08 26.63
N ILE B 54 -8.36 2.27 25.46
CA ILE B 54 -6.95 1.95 25.25
C ILE B 54 -6.32 3.30 25.07
N THR B 55 -5.70 3.84 26.12
CA THR B 55 -5.22 5.20 26.09
C THR B 55 -3.72 5.40 25.94
N ILE B 56 -3.37 6.52 25.31
CA ILE B 56 -2.02 7.03 25.12
C ILE B 56 -2.07 8.49 25.53
N PRO B 57 -0.97 9.05 26.04
CA PRO B 57 -0.96 10.48 26.40
C PRO B 57 -1.28 11.38 25.19
N ARG B 58 -1.95 12.50 25.44
CA ARG B 58 -2.34 13.46 24.42
C ARG B 58 -1.26 14.56 24.30
N SER B 59 -0.98 14.99 23.09
CA SER B 59 -0.01 16.06 22.86
C SER B 59 -0.71 17.43 22.90
N LEU B 60 0.06 18.54 23.01
CA LEU B 60 -0.51 19.88 23.02
C LEU B 60 -1.44 20.16 21.82
N ASP B 61 -1.02 19.87 20.57
CA ASP B 61 -1.91 20.11 19.42
C ASP B 61 -2.85 18.94 19.12
N GLY B 62 -2.67 17.82 19.81
CA GLY B 62 -3.48 16.62 19.60
C GLY B 62 -2.93 15.72 18.51
N ARG B 63 -1.90 16.14 17.79
CA ARG B 63 -1.31 15.33 16.72
C ARG B 63 -0.26 14.37 17.24
N LEU B 64 -0.14 13.23 16.57
CA LEU B 64 0.82 12.19 16.87
C LEU B 64 1.75 12.07 15.65
N GLN B 65 3.06 12.01 15.88
CA GLN B 65 4.01 11.85 14.80
C GLN B 65 4.51 10.41 14.78
N VAL B 66 4.40 9.79 13.61
CA VAL B 66 4.91 8.45 13.39
C VAL B 66 5.77 8.56 12.15
N SER B 67 7.07 8.26 12.27
CA SER B 67 8.00 8.34 11.15
C SER B 67 7.84 9.57 10.23
N HIS B 68 7.90 10.79 10.81
CA HIS B 68 7.82 12.01 10.03
C HIS B 68 6.46 12.27 9.39
N ARG B 69 5.41 11.70 9.95
CA ARG B 69 4.06 11.91 9.46
C ARG B 69 3.16 12.19 10.62
N LYS B 70 2.39 13.30 10.55
CA LYS B 70 1.49 13.64 11.66
C LYS B 70 0.02 13.40 11.35
N GLY B 71 -0.71 13.03 12.38
CA GLY B 71 -2.14 12.81 12.30
C GLY B 71 -2.75 12.72 13.68
N LEU B 72 -4.08 12.75 13.77
CA LEU B 72 -4.73 12.61 15.07
C LEU B 72 -4.69 11.14 15.44
N PRO B 73 -4.29 10.84 16.69
CA PRO B 73 -4.08 9.43 17.09
C PRO B 73 -5.26 8.48 16.87
N HIS B 74 -6.48 8.86 17.26
CA HIS B 74 -7.64 8.00 17.04
C HIS B 74 -7.90 7.79 15.53
N VAL B 75 -7.61 8.81 14.69
CA VAL B 75 -7.79 8.70 13.24
C VAL B 75 -6.78 7.74 12.64
N ILE B 76 -5.54 7.79 13.12
CA ILE B 76 -4.48 6.90 12.63
C ILE B 76 -4.84 5.42 12.83
N TYR B 77 -5.29 5.07 14.03
CA TYR B 77 -5.55 3.66 14.35
C TYR B 77 -6.93 3.18 13.88
N CYS B 78 -7.88 4.10 13.62
CA CYS B 78 -9.17 3.70 13.05
C CYS B 78 -8.96 3.39 11.56
N ARG B 79 -8.14 4.19 10.87
CA ARG B 79 -7.82 3.99 9.47
C ARG B 79 -7.05 2.66 9.29
N LEU B 80 -6.16 2.37 10.26
CA LEU B 80 -5.32 1.19 10.27
C LEU B 80 -6.09 -0.11 10.42
N TRP B 81 -7.00 -0.19 11.39
CA TRP B 81 -7.71 -1.41 11.67
C TRP B 81 -9.17 -1.45 11.24
N ARG B 82 -9.76 -0.33 10.79
CA ARG B 82 -11.18 -0.33 10.42
C ARG B 82 -11.52 0.27 9.06
N TRP B 83 -11.11 1.51 8.77
CA TRP B 83 -11.51 2.18 7.53
C TRP B 83 -10.34 2.84 6.83
N PRO B 84 -9.68 2.14 5.90
CA PRO B 84 -8.51 2.73 5.22
C PRO B 84 -8.78 4.06 4.51
N ASP B 85 -10.02 4.22 4.04
CA ASP B 85 -10.46 5.43 3.34
C ASP B 85 -10.96 6.54 4.29
N LEU B 86 -10.69 6.42 5.61
CA LEU B 86 -11.09 7.43 6.60
C LEU B 86 -10.33 8.71 6.28
N HIS B 87 -11.07 9.78 6.03
CA HIS B 87 -10.50 11.04 5.58
C HIS B 87 -10.04 11.96 6.72
N SER B 88 -10.94 12.29 7.66
CA SER B 88 -10.59 13.16 8.77
C SER B 88 -11.32 12.79 10.07
N HIS B 89 -11.01 13.48 11.18
CA HIS B 89 -11.68 13.27 12.46
C HIS B 89 -13.16 13.62 12.37
N HIS B 90 -13.57 14.50 11.44
CA HIS B 90 -14.98 14.85 11.24
C HIS B 90 -15.84 13.65 10.83
N GLU B 91 -15.23 12.58 10.32
CA GLU B 91 -15.95 11.37 9.96
C GLU B 91 -16.03 10.36 11.14
N LEU B 92 -15.61 10.74 12.37
CA LEU B 92 -15.64 9.85 13.55
C LEU B 92 -16.50 10.44 14.65
N ARG B 93 -17.21 9.59 15.39
CA ARG B 93 -18.02 10.03 16.51
C ARG B 93 -17.78 8.99 17.60
N ALA B 94 -17.26 9.40 18.77
CA ALA B 94 -17.04 8.45 19.86
C ALA B 94 -18.35 7.97 20.43
N MET B 95 -18.35 6.73 20.90
CA MET B 95 -19.49 6.15 21.57
C MET B 95 -19.54 6.78 22.96
N GLU B 96 -20.74 6.85 23.57
CA GLU B 96 -20.85 7.47 24.89
C GLU B 96 -20.06 6.73 25.98
N LEU B 97 -19.89 5.41 25.80
CA LEU B 97 -19.14 4.53 26.70
C LEU B 97 -17.65 4.94 26.84
N CYS B 98 -17.10 5.53 25.79
CA CYS B 98 -15.72 5.93 25.69
C CYS B 98 -15.39 7.11 26.61
N GLU B 99 -14.73 6.82 27.74
CA GLU B 99 -14.35 7.85 28.70
C GLU B 99 -13.26 8.81 28.18
N PHE B 100 -12.27 8.29 27.46
CA PHE B 100 -11.16 9.12 27.00
C PHE B 100 -11.22 9.52 25.53
N ALA B 101 -12.41 9.77 24.99
CA ALA B 101 -12.54 10.17 23.58
C ALA B 101 -11.70 11.36 23.20
N PHE B 102 -11.29 11.45 21.93
CA PHE B 102 -10.47 12.54 21.42
C PHE B 102 -11.09 13.91 21.68
N ASN B 103 -12.36 14.09 21.32
CA ASN B 103 -13.05 15.36 21.47
C ASN B 103 -13.13 15.89 22.91
N MET B 104 -12.85 15.04 23.90
CA MET B 104 -12.94 15.41 25.32
C MET B 104 -11.73 16.22 25.84
N LYS B 105 -10.67 16.35 25.04
CA LYS B 105 -9.45 17.07 25.41
C LYS B 105 -8.85 16.63 26.75
N LYS B 106 -8.97 15.33 27.11
CA LYS B 106 -8.41 14.84 28.39
C LYS B 106 -6.88 14.59 28.29
N ASP B 107 -6.22 14.27 29.42
CA ASP B 107 -4.76 14.00 29.44
C ASP B 107 -4.40 12.81 28.57
N GLU B 108 -5.27 11.79 28.57
CA GLU B 108 -5.10 10.58 27.76
C GLU B 108 -6.15 10.57 26.65
N VAL B 109 -5.78 10.06 25.48
CA VAL B 109 -6.71 9.92 24.37
C VAL B 109 -6.90 8.42 24.07
N CYS B 110 -8.15 8.00 23.93
CA CYS B 110 -8.51 6.63 23.66
C CYS B 110 -8.37 6.35 22.18
N VAL B 111 -7.56 5.35 21.84
CA VAL B 111 -7.34 4.97 20.46
C VAL B 111 -7.90 3.57 20.17
N ASN B 112 -8.90 3.09 20.97
CA ASN B 112 -9.57 1.82 20.73
C ASN B 112 -10.45 2.10 19.51
N PRO B 113 -10.16 1.49 18.33
CA PRO B 113 -10.98 1.79 17.15
C PRO B 113 -12.45 1.43 17.32
N TYR B 114 -12.76 0.52 18.26
CA TYR B 114 -14.12 0.07 18.50
C TYR B 114 -14.90 0.94 19.47
N HIS B 115 -14.35 2.10 19.87
CA HIS B 115 -15.02 3.12 20.65
C HIS B 115 -15.45 4.31 19.77
N TYR B 116 -15.25 4.22 18.43
CA TYR B 116 -15.62 5.27 17.48
C TYR B 116 -16.53 4.70 16.39
N GLN B 117 -17.52 5.47 15.95
CA GLN B 117 -18.39 5.07 14.86
C GLN B 117 -18.11 5.99 13.67
N ARG B 118 -18.18 5.45 12.44
CA ARG B 118 -17.95 6.28 11.26
C ARG B 118 -19.24 6.98 10.86
N VAL B 119 -19.16 8.27 10.49
CA VAL B 119 -20.30 9.06 10.01
C VAL B 119 -20.00 9.57 8.59
#